data_9R7A
#
_entry.id   9R7A
#
_cell.length_a   51.800
_cell.length_b   109.510
_cell.length_c   53.750
_cell.angle_alpha   90.00
_cell.angle_beta   93.93
_cell.angle_gamma   90.00
#
_symmetry.space_group_name_H-M   'P 1 21 1'
#
loop_
_entity.id
_entity.type
_entity.pdbx_description
1 polymer '6-phosphogluconate dehydrogenase NAD-binding protein'
2 non-polymer 'SULFATE ION'
3 non-polymer 'NADP NICOTINAMIDE-ADENINE-DINUCLEOTIDE PHOSPHATE'
4 non-polymer (2~{S})-5-methoxy-~{N}-methyl-1,2,3,4-tetrahydronaphthalen-2-amine
5 water water
#
_entity_poly.entity_id   1
_entity_poly.type   'polypeptide(L)'
_entity_poly.pdbx_seq_one_letter_code
;MPPTDRTPVTLIGLGPMGQAMTRALLAAGHPVTVWNRTPARAAGVVADGAVLAASPVEAVEAGDLVILSLTDYQAMYDVL
EPATGSLAGRTVVNLSSDTPDRTRAAADWATEHGATFLTGGVMIPAPMVGTEEAYVYYSGPAEVFEKHRTTLTVIGAPRY
LGEDTGLAQLMYQAQLDVFLTTLSSLMHATALLGTAGVSAAESMPELIGMLRTVPAMLEAGGENPGADIDADKHPGDLST
ITMMGATADHIVGASETAGIDLALPRAVQAHYRRAIENGHGGDNWTRIIDGIRSPR
;
_entity_poly.pdbx_strand_id   A,B
#
loop_
_chem_comp.id
_chem_comp.type
_chem_comp.name
_chem_comp.formula
A1JDG non-polymer (2~{S})-5-methoxy-~{N}-methyl-1,2,3,4-tetrahydronaphthalen-2-amine 'C12 H17 N O'
NAP non-polymer 'NADP NICOTINAMIDE-ADENINE-DINUCLEOTIDE PHOSPHATE' 'C21 H28 N7 O17 P3'
SO4 non-polymer 'SULFATE ION' 'O4 S -2'
#
# COMPACT_ATOMS: atom_id res chain seq x y z
N ASP A 5 -5.31 39.16 -0.23
CA ASP A 5 -6.46 38.87 -1.13
C ASP A 5 -7.70 38.58 -0.30
N ARG A 6 -8.72 39.42 -0.44
CA ARG A 6 -9.97 39.24 0.33
C ARG A 6 -11.07 38.89 -0.67
N THR A 7 -10.69 38.18 -1.73
CA THR A 7 -11.66 37.74 -2.76
C THR A 7 -12.82 37.00 -2.09
N PRO A 8 -14.08 37.40 -2.28
CA PRO A 8 -15.20 36.61 -1.76
C PRO A 8 -15.21 35.21 -2.39
N VAL A 9 -15.38 34.18 -1.53
CA VAL A 9 -15.43 32.78 -1.96
C VAL A 9 -16.76 32.17 -1.55
N THR A 10 -17.45 31.33 -2.31
CA THR A 10 -18.54 30.38 -2.12
C THR A 10 -17.95 28.99 -2.04
N LEU A 11 -18.40 28.33 -1.08
CA LEU A 11 -18.09 26.91 -0.90
C LEU A 11 -19.36 26.14 -0.64
N ILE A 12 -19.61 25.12 -1.45
CA ILE A 12 -20.78 24.28 -1.35
C ILE A 12 -20.33 22.87 -1.02
N GLY A 13 -20.90 22.31 0.04
CA GLY A 13 -20.56 20.98 0.51
C GLY A 13 -19.79 21.10 1.82
N LEU A 14 -20.46 20.77 2.94
CA LEU A 14 -19.88 20.94 4.25
C LEU A 14 -19.69 19.61 4.98
N GLY A 15 -19.13 18.65 4.26
CA GLY A 15 -18.48 17.54 4.91
C GLY A 15 -17.24 18.04 5.64
N PRO A 16 -16.40 17.14 6.21
CA PRO A 16 -15.21 17.58 6.96
C PRO A 16 -14.27 18.43 6.10
N MET A 17 -14.17 18.10 4.80
CA MET A 17 -13.24 18.81 3.95
C MET A 17 -13.80 20.22 3.70
N GLY A 18 -15.06 20.27 3.24
CA GLY A 18 -15.72 21.56 3.09
C GLY A 18 -15.56 22.47 4.32
N GLN A 19 -15.75 21.93 5.52
CA GLN A 19 -15.73 22.75 6.71
C GLN A 19 -14.30 23.21 6.99
N ALA A 20 -13.33 22.34 6.75
CA ALA A 20 -11.95 22.67 7.03
C ALA A 20 -11.46 23.72 6.05
N MET A 21 -11.93 23.63 4.80
CA MET A 21 -11.51 24.58 3.79
C MET A 21 -12.14 25.95 4.06
N THR A 22 -13.40 25.94 4.51
CA THR A 22 -14.11 27.18 4.82
C THR A 22 -13.31 27.93 5.88
N ARG A 23 -12.88 27.19 6.91
CA ARG A 23 -12.23 27.77 8.07
C ARG A 23 -10.89 28.37 7.69
N ALA A 24 -10.09 27.63 6.89
CA ALA A 24 -8.80 28.12 6.43
C ALA A 24 -8.97 29.42 5.64
N LEU A 25 -10.00 29.43 4.76
CA LEU A 25 -10.29 30.60 3.94
C LEU A 25 -10.73 31.79 4.79
N LEU A 26 -11.62 31.57 5.80
CA LEU A 26 -12.02 32.61 6.71
C LEU A 26 -10.80 33.17 7.47
N ALA A 27 -9.92 32.27 7.95
CA ALA A 27 -8.78 32.65 8.77
C ALA A 27 -7.80 33.50 7.95
N ALA A 28 -7.84 33.32 6.63
CA ALA A 28 -6.95 34.07 5.71
C ALA A 28 -7.59 35.40 5.32
N GLY A 29 -8.78 35.68 5.84
CA GLY A 29 -9.42 36.98 5.57
C GLY A 29 -10.37 37.00 4.37
N HIS A 30 -10.68 35.84 3.81
CA HIS A 30 -11.70 35.83 2.74
C HIS A 30 -13.10 35.72 3.30
N PRO A 31 -14.04 36.60 2.89
CA PRO A 31 -15.45 36.36 3.19
C PRO A 31 -15.87 35.07 2.48
N VAL A 32 -16.48 34.16 3.25
CA VAL A 32 -16.92 32.90 2.70
C VAL A 32 -18.42 32.77 2.88
N THR A 33 -19.11 32.57 1.76
CA THR A 33 -20.51 32.23 1.75
C THR A 33 -20.68 30.74 1.44
N VAL A 34 -21.40 30.02 2.33
CA VAL A 34 -21.58 28.59 2.20
C VAL A 34 -23.02 28.24 1.83
N TRP A 35 -23.19 27.05 1.26
CA TRP A 35 -24.50 26.44 1.14
C TRP A 35 -24.35 24.94 1.31
N ASN A 36 -25.30 24.31 2.00
CA ASN A 36 -25.27 22.86 2.16
C ASN A 36 -26.67 22.28 1.99
N ARG A 37 -26.75 21.05 1.47
CA ARG A 37 -28.01 20.35 1.35
C ARG A 37 -28.69 20.30 2.72
N THR A 38 -27.91 20.07 3.78
CA THR A 38 -28.38 20.04 5.16
C THR A 38 -27.91 21.33 5.84
N PRO A 39 -28.76 22.37 5.96
CA PRO A 39 -28.32 23.65 6.50
C PRO A 39 -27.81 23.63 7.93
N ALA A 40 -28.38 22.75 8.76
CA ALA A 40 -27.97 22.55 10.15
C ALA A 40 -26.46 22.35 10.26
N ARG A 41 -25.90 21.61 9.31
CA ARG A 41 -24.50 21.20 9.34
C ARG A 41 -23.58 22.42 9.18
N ALA A 42 -24.14 23.56 8.75
CA ALA A 42 -23.35 24.76 8.52
C ALA A 42 -23.11 25.55 9.82
N ALA A 43 -23.78 25.14 10.91
CA ALA A 43 -23.83 25.97 12.11
C ALA A 43 -22.42 26.29 12.61
N GLY A 44 -21.56 25.27 12.67
CA GLY A 44 -20.15 25.40 13.05
C GLY A 44 -19.43 26.54 12.31
N VAL A 45 -19.38 26.46 10.97
CA VAL A 45 -18.63 27.45 10.20
C VAL A 45 -19.31 28.81 10.25
N VAL A 46 -20.65 28.82 10.39
CA VAL A 46 -21.36 30.09 10.54
C VAL A 46 -20.94 30.77 11.84
N ALA A 47 -20.80 30.02 12.94
CA ALA A 47 -20.25 30.60 14.15
C ALA A 47 -18.83 31.11 13.93
N ASP A 48 -18.10 30.59 12.93
CA ASP A 48 -16.73 31.00 12.67
C ASP A 48 -16.67 32.12 11.63
N GLY A 49 -17.79 32.61 11.13
CA GLY A 49 -17.79 33.79 10.27
C GLY A 49 -18.36 33.56 8.87
N ALA A 50 -18.61 32.28 8.53
CA ALA A 50 -19.21 31.96 7.24
C ALA A 50 -20.62 32.54 7.19
N VAL A 51 -21.04 32.96 5.99
CA VAL A 51 -22.41 33.38 5.77
C VAL A 51 -23.16 32.23 5.11
N LEU A 52 -24.28 31.83 5.69
CA LEU A 52 -25.05 30.72 5.15
C LEU A 52 -26.08 31.26 4.14
N ALA A 53 -25.93 30.95 2.88
CA ALA A 53 -26.92 31.33 1.91
C ALA A 53 -28.15 30.45 2.05
N ALA A 54 -29.31 31.04 1.80
CA ALA A 54 -30.59 30.35 1.90
C ALA A 54 -30.77 29.39 0.73
N SER A 55 -30.15 29.74 -0.40
CA SER A 55 -30.42 29.09 -1.66
C SER A 55 -29.10 28.94 -2.44
N PRO A 56 -29.00 27.93 -3.30
CA PRO A 56 -27.84 27.80 -4.18
C PRO A 56 -27.56 29.04 -5.04
N VAL A 57 -28.63 29.64 -5.57
CA VAL A 57 -28.55 30.83 -6.41
C VAL A 57 -27.86 31.93 -5.63
N GLU A 58 -28.26 32.11 -4.39
CA GLU A 58 -27.75 33.20 -3.57
C GLU A 58 -26.28 32.90 -3.27
N ALA A 59 -25.94 31.63 -3.05
CA ALA A 59 -24.56 31.27 -2.76
C ALA A 59 -23.69 31.53 -3.99
N VAL A 60 -24.15 31.07 -5.16
CA VAL A 60 -23.37 31.24 -6.37
C VAL A 60 -23.14 32.74 -6.62
N GLU A 61 -24.17 33.60 -6.41
CA GLU A 61 -24.07 35.00 -6.78
C GLU A 61 -23.20 35.78 -5.80
N ALA A 62 -22.79 35.17 -4.70
CA ALA A 62 -22.03 35.90 -3.69
C ALA A 62 -20.56 36.03 -4.05
N GLY A 63 -20.06 35.22 -5.01
CA GLY A 63 -18.64 35.12 -5.31
C GLY A 63 -18.31 34.88 -6.78
N ASP A 64 -17.11 35.28 -7.20
CA ASP A 64 -16.58 34.97 -8.52
C ASP A 64 -15.95 33.59 -8.54
N LEU A 65 -15.84 32.98 -7.35
CA LEU A 65 -15.18 31.71 -7.15
C LEU A 65 -16.10 30.78 -6.35
N VAL A 66 -16.50 29.66 -6.97
CA VAL A 66 -17.39 28.68 -6.39
C VAL A 66 -16.63 27.36 -6.25
N ILE A 67 -16.36 26.95 -5.01
CA ILE A 67 -15.70 25.68 -4.67
C ILE A 67 -16.74 24.63 -4.31
N LEU A 68 -16.56 23.43 -4.86
CA LEU A 68 -17.46 22.33 -4.57
C LEU A 68 -16.65 21.27 -3.84
N SER A 69 -17.13 20.84 -2.67
CA SER A 69 -16.52 19.74 -1.96
C SER A 69 -17.63 18.75 -1.68
N LEU A 70 -17.96 17.93 -2.68
CA LEU A 70 -19.09 17.02 -2.63
C LEU A 70 -18.62 15.58 -2.87
N THR A 71 -19.48 14.63 -2.51
CA THR A 71 -19.11 13.22 -2.55
C THR A 71 -18.80 12.82 -4.00
N ASP A 72 -19.56 13.37 -4.94
CA ASP A 72 -19.35 13.04 -6.35
C ASP A 72 -19.87 14.16 -7.26
N TYR A 73 -19.77 13.97 -8.58
CA TYR A 73 -20.11 15.02 -9.52
C TYR A 73 -21.62 15.08 -9.77
N GLN A 74 -22.34 13.97 -9.56
CA GLN A 74 -23.79 14.00 -9.59
C GLN A 74 -24.29 15.05 -8.61
N ALA A 75 -23.63 15.14 -7.44
CA ALA A 75 -23.94 16.12 -6.42
C ALA A 75 -23.75 17.55 -6.93
N MET A 76 -22.73 17.81 -7.78
CA MET A 76 -22.56 19.12 -8.37
C MET A 76 -23.80 19.48 -9.21
N TYR A 77 -24.29 18.54 -10.04
CA TYR A 77 -25.45 18.81 -10.88
C TYR A 77 -26.68 19.09 -10.01
N ASP A 78 -26.89 18.24 -9.01
CA ASP A 78 -28.02 18.33 -8.10
C ASP A 78 -28.09 19.70 -7.45
N VAL A 79 -26.97 20.18 -6.92
CA VAL A 79 -26.91 21.45 -6.22
C VAL A 79 -26.93 22.64 -7.17
N LEU A 80 -26.27 22.57 -8.35
CA LEU A 80 -26.15 23.76 -9.19
C LEU A 80 -27.30 23.86 -10.21
N GLU A 81 -28.09 22.79 -10.45
CA GLU A 81 -29.12 22.84 -11.48
C GLU A 81 -30.03 24.05 -11.27
N PRO A 82 -30.57 24.32 -10.06
CA PRO A 82 -31.39 25.52 -9.90
C PRO A 82 -30.66 26.85 -10.09
N ALA A 83 -29.32 26.84 -10.09
CA ALA A 83 -28.53 28.08 -10.15
C ALA A 83 -27.86 28.26 -11.49
N THR A 84 -28.25 27.48 -12.52
CA THR A 84 -27.42 27.45 -13.73
C THR A 84 -27.40 28.82 -14.39
N GLY A 85 -28.51 29.56 -14.25
CA GLY A 85 -28.63 30.92 -14.75
C GLY A 85 -27.69 31.92 -14.09
N SER A 86 -27.00 31.57 -13.00
CA SER A 86 -26.21 32.57 -12.28
C SER A 86 -24.71 32.22 -12.35
N LEU A 87 -24.38 31.19 -13.15
CA LEU A 87 -23.01 30.72 -13.29
C LEU A 87 -22.12 31.63 -14.16
N ALA A 88 -22.72 32.41 -15.09
CA ALA A 88 -21.96 33.13 -16.10
C ALA A 88 -20.97 34.09 -15.43
N GLY A 89 -19.73 34.12 -15.90
CA GLY A 89 -18.74 35.05 -15.40
C GLY A 89 -18.01 34.55 -14.15
N ARG A 90 -18.37 33.38 -13.62
CA ARG A 90 -17.74 32.84 -12.42
C ARG A 90 -16.85 31.63 -12.74
N THR A 91 -15.98 31.29 -11.78
CA THR A 91 -15.14 30.10 -11.87
C THR A 91 -15.69 29.01 -10.95
N VAL A 92 -15.91 27.82 -11.49
CA VAL A 92 -16.24 26.67 -10.68
C VAL A 92 -14.96 25.89 -10.45
N VAL A 93 -14.60 25.68 -9.18
CA VAL A 93 -13.49 24.82 -8.80
C VAL A 93 -14.09 23.60 -8.12
N ASN A 94 -14.02 22.45 -8.79
CA ASN A 94 -14.60 21.26 -8.20
C ASN A 94 -13.47 20.46 -7.55
N LEU A 95 -13.62 20.24 -6.23
CA LEU A 95 -12.64 19.54 -5.43
C LEU A 95 -13.22 18.18 -5.02
N SER A 96 -14.00 17.55 -5.92
CA SER A 96 -14.69 16.31 -5.63
C SER A 96 -14.14 15.15 -6.48
N SER A 97 -14.20 13.94 -5.91
CA SER A 97 -13.89 12.69 -6.57
C SER A 97 -14.97 12.32 -7.60
N ASP A 98 -14.53 11.85 -8.77
CA ASP A 98 -15.36 11.22 -9.78
C ASP A 98 -14.42 10.73 -10.89
N THR A 99 -14.98 10.10 -11.95
CA THR A 99 -14.17 9.64 -13.07
C THR A 99 -13.57 10.83 -13.82
N PRO A 100 -12.42 10.67 -14.50
CA PRO A 100 -11.88 11.71 -15.39
C PRO A 100 -12.82 12.21 -16.48
N ASP A 101 -13.59 11.30 -17.10
CA ASP A 101 -14.51 11.65 -18.17
C ASP A 101 -15.76 12.40 -17.67
N ARG A 102 -16.32 12.01 -16.52
CA ARG A 102 -17.38 12.80 -15.92
C ARG A 102 -16.89 14.23 -15.72
N THR A 103 -15.64 14.37 -15.27
CA THR A 103 -15.05 15.66 -14.99
C THR A 103 -14.94 16.49 -16.27
N ARG A 104 -14.41 15.89 -17.35
CA ARG A 104 -14.25 16.62 -18.59
C ARG A 104 -15.59 17.12 -19.12
N ALA A 105 -16.60 16.26 -19.09
CA ALA A 105 -17.94 16.62 -19.52
C ALA A 105 -18.53 17.73 -18.62
N ALA A 106 -18.16 17.71 -17.34
CA ALA A 106 -18.65 18.72 -16.39
C ALA A 106 -18.02 20.07 -16.71
N ALA A 107 -16.75 20.08 -17.08
CA ALA A 107 -16.10 21.30 -17.52
C ALA A 107 -16.83 21.89 -18.74
N ASP A 108 -17.23 21.06 -19.71
CA ASP A 108 -17.96 21.57 -20.87
C ASP A 108 -19.34 22.10 -20.45
N TRP A 109 -19.99 21.45 -19.51
CA TRP A 109 -21.25 21.93 -18.97
C TRP A 109 -21.08 23.27 -18.27
N ALA A 110 -19.99 23.48 -17.52
CA ALA A 110 -19.72 24.82 -16.99
C ALA A 110 -19.57 25.86 -18.11
N THR A 111 -18.73 25.57 -19.11
CA THR A 111 -18.47 26.51 -20.19
C THR A 111 -19.75 26.95 -20.88
N GLU A 112 -20.68 25.99 -21.08
CA GLU A 112 -21.89 26.28 -21.81
C GLU A 112 -22.88 27.08 -20.96
N HIS A 113 -22.73 27.07 -19.63
CA HIS A 113 -23.44 27.98 -18.74
C HIS A 113 -22.61 29.23 -18.46
N GLY A 114 -21.53 29.44 -19.22
CA GLY A 114 -20.83 30.72 -19.20
C GLY A 114 -19.77 30.86 -18.11
N ALA A 115 -19.46 29.76 -17.43
CA ALA A 115 -18.46 29.73 -16.37
C ALA A 115 -17.17 29.10 -16.88
N THR A 116 -16.06 29.45 -16.20
CA THR A 116 -14.81 28.73 -16.28
C THR A 116 -14.81 27.60 -15.26
N PHE A 117 -13.91 26.63 -15.47
CA PHE A 117 -13.88 25.43 -14.65
C PHE A 117 -12.46 25.03 -14.34
N LEU A 118 -12.23 24.63 -13.08
CA LEU A 118 -10.97 24.04 -12.68
C LEU A 118 -11.24 22.75 -11.93
N THR A 119 -10.38 21.76 -12.19
CA THR A 119 -10.39 20.51 -11.45
C THR A 119 -9.35 20.59 -10.35
N GLY A 120 -9.73 20.12 -9.15
CA GLY A 120 -8.82 19.97 -8.03
C GLY A 120 -9.02 18.62 -7.36
N GLY A 121 -7.92 18.06 -6.86
CA GLY A 121 -7.91 16.82 -6.08
C GLY A 121 -7.08 17.07 -4.83
N VAL A 122 -7.75 17.10 -3.68
CA VAL A 122 -7.13 17.47 -2.42
C VAL A 122 -6.45 16.23 -1.83
N MET A 123 -5.17 16.33 -1.41
CA MET A 123 -4.38 15.13 -1.17
C MET A 123 -4.14 14.83 0.30
N ILE A 124 -4.86 15.49 1.21
CA ILE A 124 -4.66 15.30 2.65
C ILE A 124 -6.02 15.27 3.34
N PRO A 125 -6.14 14.66 4.54
CA PRO A 125 -7.38 14.69 5.31
C PRO A 125 -7.66 16.06 5.95
N ALA A 126 -8.86 16.23 6.49
CA ALA A 126 -9.36 17.56 6.81
C ALA A 126 -8.48 18.27 7.84
N PRO A 127 -7.95 17.57 8.86
CA PRO A 127 -7.12 18.24 9.85
C PRO A 127 -5.81 18.81 9.30
N MET A 128 -5.38 18.34 8.12
CA MET A 128 -4.14 18.82 7.53
C MET A 128 -4.41 19.92 6.51
N VAL A 129 -5.68 20.19 6.20
CA VAL A 129 -5.99 21.28 5.30
C VAL A 129 -5.41 22.59 5.81
N GLY A 130 -4.77 23.34 4.93
CA GLY A 130 -4.28 24.66 5.26
C GLY A 130 -2.97 24.64 6.04
N THR A 131 -2.32 23.47 6.14
CA THR A 131 -1.01 23.31 6.78
C THR A 131 0.08 23.12 5.72
N GLU A 132 1.36 23.17 6.14
CA GLU A 132 2.51 23.06 5.23
C GLU A 132 2.53 21.69 4.58
N GLU A 133 1.88 20.69 5.14
CA GLU A 133 1.83 19.35 4.58
C GLU A 133 0.73 19.24 3.53
N ALA A 134 -0.10 20.27 3.36
CA ALA A 134 -1.25 20.14 2.48
C ALA A 134 -0.85 20.42 1.02
N TYR A 135 -1.47 19.69 0.09
CA TYR A 135 -1.24 19.93 -1.32
C TYR A 135 -2.47 19.48 -2.10
N VAL A 136 -2.66 20.07 -3.28
CA VAL A 136 -3.81 19.87 -4.12
C VAL A 136 -3.34 19.86 -5.56
N TYR A 137 -3.84 18.88 -6.34
CA TYR A 137 -3.57 18.82 -7.76
C TYR A 137 -4.63 19.61 -8.50
N TYR A 138 -4.25 20.28 -9.59
CA TYR A 138 -5.13 21.14 -10.36
C TYR A 138 -4.87 20.93 -11.84
N SER A 139 -5.94 20.91 -12.61
CA SER A 139 -5.84 20.87 -14.05
C SER A 139 -7.00 21.67 -14.65
N GLY A 140 -6.80 22.15 -15.87
CA GLY A 140 -7.72 23.11 -16.51
C GLY A 140 -6.98 24.31 -17.09
N PRO A 141 -7.71 25.34 -17.57
CA PRO A 141 -7.10 26.51 -18.22
C PRO A 141 -6.09 27.23 -17.33
N ALA A 142 -4.89 27.45 -17.87
CA ALA A 142 -3.81 28.02 -17.08
C ALA A 142 -4.17 29.38 -16.52
N GLU A 143 -4.90 30.19 -17.29
CA GLU A 143 -5.19 31.59 -16.94
C GLU A 143 -6.20 31.60 -15.78
N VAL A 144 -7.14 30.66 -15.82
CA VAL A 144 -8.09 30.47 -14.73
C VAL A 144 -7.39 30.06 -13.42
N PHE A 145 -6.45 29.10 -13.50
CA PHE A 145 -5.68 28.70 -12.33
C PHE A 145 -4.92 29.91 -11.77
N GLU A 146 -4.29 30.68 -12.67
CA GLU A 146 -3.44 31.79 -12.24
C GLU A 146 -4.27 32.86 -11.52
N LYS A 147 -5.47 33.13 -12.06
CA LYS A 147 -6.35 34.17 -11.53
C LYS A 147 -6.68 33.89 -10.06
N HIS A 148 -6.78 32.62 -9.67
CA HIS A 148 -7.27 32.25 -8.34
C HIS A 148 -6.20 31.55 -7.51
N ARG A 149 -4.96 31.47 -8.01
CA ARG A 149 -3.96 30.64 -7.37
C ARG A 149 -3.75 31.10 -5.92
N THR A 150 -3.69 32.41 -5.70
CA THR A 150 -3.36 32.88 -4.33
C THR A 150 -4.45 32.44 -3.35
N THR A 151 -5.71 32.49 -3.79
CA THR A 151 -6.82 32.05 -2.91
C THR A 151 -6.74 30.53 -2.69
N LEU A 152 -6.56 29.77 -3.76
CA LEU A 152 -6.54 28.33 -3.64
C LEU A 152 -5.37 27.84 -2.76
N THR A 153 -4.26 28.60 -2.74
CA THR A 153 -3.07 28.20 -1.99
C THR A 153 -3.37 28.11 -0.49
N VAL A 154 -4.38 28.83 -0.01
CA VAL A 154 -4.75 28.76 1.40
C VAL A 154 -5.08 27.32 1.80
N ILE A 155 -5.76 26.57 0.93
CA ILE A 155 -6.16 25.20 1.24
C ILE A 155 -4.95 24.28 1.26
N GLY A 156 -3.97 24.53 0.38
CA GLY A 156 -2.80 23.67 0.24
C GLY A 156 -1.97 24.04 -0.98
N ALA A 157 -0.67 23.71 -0.94
CA ALA A 157 0.23 23.97 -2.04
C ALA A 157 -0.34 23.38 -3.34
N PRO A 158 -0.53 24.20 -4.40
CA PRO A 158 -1.07 23.69 -5.65
C PRO A 158 -0.02 23.00 -6.50
N ARG A 159 -0.46 21.95 -7.20
CA ARG A 159 0.39 21.26 -8.17
C ARG A 159 -0.42 21.16 -9.45
N TYR A 160 -0.15 22.17 -10.28
CA TYR A 160 -0.83 22.32 -11.55
C TYR A 160 -0.23 21.33 -12.53
N LEU A 161 -1.09 20.57 -13.20
CA LEU A 161 -0.66 19.49 -14.06
C LEU A 161 -0.90 19.83 -15.52
N GLY A 162 -1.69 20.87 -15.83
CA GLY A 162 -1.88 21.28 -17.22
C GLY A 162 -3.35 21.47 -17.58
N GLU A 163 -3.61 21.46 -18.88
CA GLU A 163 -4.81 22.07 -19.44
C GLU A 163 -5.95 21.07 -19.47
N ASP A 164 -5.65 19.76 -19.41
CA ASP A 164 -6.73 18.80 -19.56
C ASP A 164 -7.47 18.74 -18.23
N THR A 165 -8.76 19.11 -18.22
CA THR A 165 -9.54 19.08 -16.99
C THR A 165 -9.57 17.69 -16.35
N GLY A 166 -9.49 16.62 -17.15
CA GLY A 166 -9.48 15.24 -16.68
C GLY A 166 -8.24 14.85 -15.88
N LEU A 167 -7.15 15.60 -16.06
CA LEU A 167 -5.85 15.13 -15.61
C LEU A 167 -5.70 15.17 -14.09
N ALA A 168 -6.18 16.22 -13.43
CA ALA A 168 -6.02 16.28 -11.98
C ALA A 168 -6.98 15.29 -11.33
N GLN A 169 -8.06 14.96 -12.02
CA GLN A 169 -8.96 13.91 -11.56
C GLN A 169 -8.30 12.55 -11.74
N LEU A 170 -7.64 12.30 -12.87
CA LEU A 170 -6.95 11.03 -13.07
C LEU A 170 -5.85 10.87 -12.03
N MET A 171 -5.10 11.94 -11.73
CA MET A 171 -4.04 11.87 -10.74
C MET A 171 -4.61 11.52 -9.37
N TYR A 172 -5.72 12.19 -9.00
CA TYR A 172 -6.42 11.87 -7.77
C TYR A 172 -6.83 10.40 -7.76
N GLN A 173 -7.48 9.91 -8.83
CA GLN A 173 -7.94 8.54 -8.79
C GLN A 173 -6.75 7.58 -8.73
N ALA A 174 -5.61 7.97 -9.30
CA ALA A 174 -4.42 7.14 -9.26
C ALA A 174 -3.88 7.07 -7.85
N GLN A 175 -3.84 8.23 -7.19
CA GLN A 175 -3.32 8.32 -5.85
C GLN A 175 -4.22 7.53 -4.89
N LEU A 176 -5.54 7.61 -5.09
CA LEU A 176 -6.49 6.94 -4.22
C LEU A 176 -6.54 5.44 -4.52
N ASP A 177 -6.13 5.08 -5.74
CA ASP A 177 -5.96 3.68 -6.14
C ASP A 177 -4.90 3.05 -5.23
N VAL A 178 -3.78 3.76 -5.08
CA VAL A 178 -2.73 3.31 -4.17
C VAL A 178 -3.23 3.33 -2.73
N PHE A 179 -3.76 4.46 -2.30
CA PHE A 179 -4.11 4.70 -0.91
C PHE A 179 -5.19 3.74 -0.43
N LEU A 180 -6.33 3.65 -1.11
CA LEU A 180 -7.39 2.73 -0.74
C LEU A 180 -6.95 1.27 -0.80
N THR A 181 -6.19 0.89 -1.84
CA THR A 181 -5.74 -0.50 -1.95
C THR A 181 -4.81 -0.79 -0.77
N THR A 182 -3.90 0.12 -0.43
CA THR A 182 -3.00 -0.07 0.70
C THR A 182 -3.81 -0.25 1.97
N LEU A 183 -4.85 0.58 2.17
CA LEU A 183 -5.68 0.52 3.36
C LEU A 183 -6.39 -0.82 3.40
N SER A 184 -7.01 -1.24 2.29
CA SER A 184 -7.67 -2.54 2.28
C SER A 184 -6.64 -3.63 2.64
N SER A 185 -5.40 -3.50 2.17
CA SER A 185 -4.42 -4.54 2.45
C SER A 185 -4.08 -4.53 3.95
N LEU A 186 -3.98 -3.35 4.56
CA LEU A 186 -3.73 -3.26 6.00
C LEU A 186 -4.85 -3.96 6.78
N MET A 187 -6.09 -3.80 6.33
CA MET A 187 -7.20 -4.42 7.02
C MET A 187 -7.15 -5.92 6.75
N HIS A 188 -6.75 -6.31 5.55
CA HIS A 188 -6.64 -7.72 5.19
C HIS A 188 -5.59 -8.41 6.09
N ALA A 189 -4.38 -7.81 6.17
CA ALA A 189 -3.32 -8.33 7.01
C ALA A 189 -3.78 -8.40 8.47
N THR A 190 -4.40 -7.33 8.96
CA THR A 190 -4.90 -7.32 10.34
C THR A 190 -5.87 -8.48 10.56
N ALA A 191 -6.81 -8.67 9.64
CA ALA A 191 -7.75 -9.77 9.73
C ALA A 191 -6.99 -11.09 9.81
N LEU A 192 -5.96 -11.26 8.99
CA LEU A 192 -5.24 -12.53 8.94
C LEU A 192 -4.57 -12.84 10.27
N LEU A 193 -3.84 -11.87 10.84
CA LEU A 193 -3.19 -12.00 12.12
C LEU A 193 -4.23 -12.16 13.24
N GLY A 194 -5.42 -11.57 13.05
CA GLY A 194 -6.53 -11.74 13.97
C GLY A 194 -6.94 -13.20 14.15
N THR A 195 -6.83 -14.02 13.10
CA THR A 195 -7.33 -15.39 13.20
C THR A 195 -6.41 -16.29 14.04
N ALA A 196 -5.21 -15.81 14.38
CA ALA A 196 -4.33 -16.52 15.29
C ALA A 196 -4.29 -15.79 16.62
N GLY A 197 -5.28 -14.92 16.86
CA GLY A 197 -5.44 -14.26 18.15
C GLY A 197 -4.54 -13.05 18.34
N VAL A 198 -3.93 -12.53 17.28
CA VAL A 198 -3.17 -11.29 17.39
C VAL A 198 -4.14 -10.13 17.23
N SER A 199 -4.10 -9.20 18.18
CA SER A 199 -5.00 -8.05 18.17
C SER A 199 -4.47 -7.00 17.18
N ALA A 200 -5.40 -6.13 16.77
CA ALA A 200 -5.10 -5.10 15.81
C ALA A 200 -4.16 -4.07 16.44
N ALA A 201 -4.23 -3.88 17.75
CA ALA A 201 -3.33 -2.94 18.40
C ALA A 201 -1.88 -3.44 18.32
N GLU A 202 -1.70 -4.78 18.30
CA GLU A 202 -0.37 -5.34 18.14
C GLU A 202 0.04 -5.37 16.67
N SER A 203 -0.91 -5.71 15.78
CA SER A 203 -0.55 -5.99 14.41
C SER A 203 -0.37 -4.70 13.62
N MET A 204 -1.23 -3.70 13.85
CA MET A 204 -1.19 -2.54 12.99
C MET A 204 0.13 -1.77 13.11
N PRO A 205 0.74 -1.57 14.28
CA PRO A 205 2.05 -0.90 14.32
C PRO A 205 3.17 -1.69 13.63
N GLU A 206 3.05 -3.03 13.60
CA GLU A 206 4.01 -3.84 12.87
C GLU A 206 3.88 -3.56 11.39
N LEU A 207 2.63 -3.57 10.89
CA LEU A 207 2.35 -3.37 9.48
C LEU A 207 2.71 -1.94 9.01
N ILE A 208 2.43 -0.96 9.85
CA ILE A 208 2.71 0.44 9.54
C ILE A 208 4.23 0.67 9.61
N GLY A 209 4.87 0.01 10.57
CA GLY A 209 6.31 0.08 10.70
C GLY A 209 6.99 -0.35 9.41
N MET A 210 6.44 -1.38 8.77
CA MET A 210 6.99 -1.89 7.52
C MET A 210 6.71 -0.92 6.38
N LEU A 211 5.48 -0.41 6.32
CA LEU A 211 5.04 0.48 5.25
C LEU A 211 5.87 1.75 5.21
N ARG A 212 6.27 2.23 6.39
CA ARG A 212 7.14 3.39 6.52
C ARG A 212 8.48 3.16 5.81
N THR A 213 8.95 1.90 5.77
CA THR A 213 10.23 1.58 5.15
C THR A 213 10.13 1.36 3.65
N VAL A 214 8.92 1.36 3.08
CA VAL A 214 8.74 0.89 1.72
C VAL A 214 9.48 1.74 0.69
N PRO A 215 9.46 3.09 0.74
CA PRO A 215 10.26 3.88 -0.20
C PRO A 215 11.74 3.50 -0.22
N ALA A 216 12.35 3.37 0.97
CA ALA A 216 13.75 2.96 1.09
C ALA A 216 13.97 1.56 0.49
N MET A 217 13.04 0.64 0.73
CA MET A 217 13.24 -0.73 0.31
C MET A 217 13.26 -0.77 -1.21
N LEU A 218 12.39 0.01 -1.84
CA LEU A 218 12.29 0.03 -3.28
C LEU A 218 13.56 0.62 -3.94
N GLU A 219 14.30 1.46 -3.19
CA GLU A 219 15.52 2.08 -3.67
C GLU A 219 16.81 1.31 -3.33
N ALA A 220 16.73 0.29 -2.46
CA ALA A 220 17.88 -0.52 -2.07
C ALA A 220 18.48 -1.24 -3.28
N GLY A 221 19.83 -1.22 -3.36
CA GLY A 221 20.56 -1.84 -4.46
C GLY A 221 20.51 -1.05 -5.77
N GLY A 222 20.08 0.22 -5.69
CA GLY A 222 20.03 1.12 -6.83
C GLY A 222 18.98 0.73 -7.87
N GLU A 223 17.85 0.15 -7.43
CA GLU A 223 16.68 0.04 -8.28
C GLU A 223 16.04 1.45 -8.36
N ASN A 224 15.31 1.74 -9.45
CA ASN A 224 14.68 3.04 -9.63
C ASN A 224 13.39 2.87 -10.43
N PRO A 225 12.42 2.08 -9.93
CA PRO A 225 11.33 1.48 -10.72
C PRO A 225 10.67 2.25 -11.86
N GLY A 226 10.53 3.58 -11.70
CA GLY A 226 9.90 4.43 -12.70
C GLY A 226 10.64 4.40 -14.04
N ALA A 227 11.88 4.91 -14.02
CA ALA A 227 12.74 4.92 -15.19
C ALA A 227 12.88 3.51 -15.76
N ASP A 228 12.94 2.53 -14.86
CA ASP A 228 13.04 1.14 -15.27
C ASP A 228 11.83 0.76 -16.10
N ILE A 229 10.61 1.10 -15.65
CA ILE A 229 9.38 0.71 -16.34
C ILE A 229 9.28 1.45 -17.69
N ASP A 230 9.78 2.69 -17.70
CA ASP A 230 9.81 3.51 -18.90
C ASP A 230 10.80 2.91 -19.90
N ALA A 231 11.97 2.50 -19.39
CA ALA A 231 12.99 1.87 -20.23
C ALA A 231 12.66 0.41 -20.58
N ASP A 232 11.67 -0.21 -19.93
CA ASP A 232 11.44 -1.64 -20.07
C ASP A 232 12.62 -2.46 -19.50
N LYS A 233 13.35 -1.89 -18.52
CA LYS A 233 14.36 -2.60 -17.72
C LYS A 233 13.69 -3.30 -16.52
N HIS A 234 13.46 -4.63 -16.64
CA HIS A 234 12.94 -5.44 -15.55
C HIS A 234 13.88 -6.56 -15.14
N PRO A 235 15.13 -6.27 -14.71
CA PRO A 235 16.10 -7.30 -14.35
C PRO A 235 15.79 -7.88 -12.97
N GLY A 236 15.84 -9.22 -12.87
CA GLY A 236 15.41 -9.97 -11.71
C GLY A 236 16.50 -10.20 -10.64
N ASP A 237 17.58 -9.41 -10.61
CA ASP A 237 18.78 -9.83 -9.90
C ASP A 237 18.57 -9.85 -8.37
N LEU A 238 17.77 -8.95 -7.79
CA LEU A 238 17.58 -8.89 -6.35
C LEU A 238 16.23 -9.43 -5.91
N SER A 239 15.34 -9.75 -6.86
CA SER A 239 14.00 -10.27 -6.59
C SER A 239 13.33 -10.65 -7.89
N THR A 240 12.71 -11.82 -7.94
CA THR A 240 12.08 -12.28 -9.16
C THR A 240 10.60 -12.45 -8.97
N ILE A 241 9.91 -12.41 -10.09
CA ILE A 241 8.48 -12.62 -10.12
C ILE A 241 8.17 -14.04 -9.65
N THR A 242 9.05 -15.00 -9.94
CA THR A 242 8.82 -16.36 -9.46
C THR A 242 8.75 -16.39 -7.93
N MET A 243 9.69 -15.71 -7.29
CA MET A 243 9.86 -15.73 -5.85
C MET A 243 8.74 -14.93 -5.19
N MET A 244 8.36 -13.80 -5.82
CA MET A 244 7.30 -12.96 -5.30
C MET A 244 5.92 -13.57 -5.59
N GLY A 245 5.78 -14.20 -6.75
CA GLY A 245 4.57 -14.94 -7.08
C GLY A 245 4.30 -16.08 -6.09
N ALA A 246 5.36 -16.78 -5.69
CA ALA A 246 5.19 -17.84 -4.71
C ALA A 246 4.59 -17.26 -3.42
N THR A 247 5.21 -16.20 -2.89
CA THR A 247 4.68 -15.54 -1.72
C THR A 247 3.21 -15.18 -1.91
N ALA A 248 2.86 -14.69 -3.10
CA ALA A 248 1.47 -14.37 -3.38
C ALA A 248 0.60 -15.62 -3.28
N ASP A 249 1.15 -16.77 -3.71
CA ASP A 249 0.47 -18.05 -3.55
C ASP A 249 0.28 -18.38 -2.07
N HIS A 250 1.31 -18.05 -1.26
CA HIS A 250 1.32 -18.38 0.15
C HIS A 250 0.31 -17.56 0.91
N ILE A 251 0.14 -16.30 0.48
CA ILE A 251 -0.85 -15.41 1.07
C ILE A 251 -2.24 -15.91 0.74
N VAL A 252 -2.47 -16.30 -0.51
CA VAL A 252 -3.77 -16.83 -0.83
C VAL A 252 -4.03 -18.05 0.04
N GLY A 253 -3.06 -18.99 0.14
CA GLY A 253 -3.24 -20.18 0.96
C GLY A 253 -3.54 -19.86 2.42
N ALA A 254 -2.78 -18.94 3.00
CA ALA A 254 -2.98 -18.57 4.37
C ALA A 254 -4.37 -17.96 4.56
N SER A 255 -4.81 -17.16 3.57
CA SER A 255 -6.09 -16.48 3.61
C SER A 255 -7.25 -17.48 3.51
N GLU A 256 -7.08 -18.48 2.65
CA GLU A 256 -8.10 -19.52 2.51
C GLU A 256 -8.28 -20.19 3.88
N THR A 257 -7.15 -20.50 4.51
CA THR A 257 -7.16 -21.21 5.78
C THR A 257 -7.72 -20.32 6.88
N ALA A 258 -7.51 -19.01 6.73
CA ALA A 258 -7.97 -18.06 7.72
C ALA A 258 -9.46 -17.73 7.54
N GLY A 259 -10.09 -18.14 6.44
CA GLY A 259 -11.49 -17.85 6.19
C GLY A 259 -11.77 -16.36 5.90
N ILE A 260 -10.82 -15.63 5.29
CA ILE A 260 -10.99 -14.21 5.06
C ILE A 260 -11.11 -13.99 3.55
N ASP A 261 -11.26 -12.72 3.15
CA ASP A 261 -11.50 -12.34 1.77
C ASP A 261 -10.35 -12.85 0.90
N LEU A 262 -10.74 -13.55 -0.17
CA LEU A 262 -9.82 -14.06 -1.18
C LEU A 262 -9.67 -13.12 -2.40
N ALA A 263 -10.61 -12.21 -2.66
CA ALA A 263 -10.54 -11.41 -3.90
C ALA A 263 -9.32 -10.51 -3.92
N LEU A 264 -9.06 -9.77 -2.83
CA LEU A 264 -7.89 -8.91 -2.81
C LEU A 264 -6.60 -9.72 -3.08
N PRO A 265 -6.23 -10.75 -2.31
CA PRO A 265 -4.97 -11.47 -2.59
C PRO A 265 -4.92 -12.21 -3.94
N ARG A 266 -6.06 -12.72 -4.40
CA ARG A 266 -6.09 -13.38 -5.70
C ARG A 266 -5.86 -12.40 -6.86
N ALA A 267 -6.28 -11.13 -6.69
CA ALA A 267 -5.97 -10.13 -7.68
C ALA A 267 -4.45 -9.97 -7.78
N VAL A 268 -3.78 -9.94 -6.61
CA VAL A 268 -2.35 -9.76 -6.57
C VAL A 268 -1.68 -11.01 -7.14
N GLN A 269 -2.16 -12.17 -6.69
CA GLN A 269 -1.66 -13.44 -7.20
C GLN A 269 -1.72 -13.47 -8.73
N ALA A 270 -2.80 -12.93 -9.33
CA ALA A 270 -3.02 -13.05 -10.77
C ALA A 270 -2.02 -12.19 -11.54
N HIS A 271 -1.51 -11.11 -10.91
CA HIS A 271 -0.57 -10.24 -11.57
C HIS A 271 0.70 -11.04 -11.81
N TYR A 272 1.12 -11.82 -10.79
CA TYR A 272 2.36 -12.60 -10.90
C TYR A 272 2.13 -13.77 -11.86
N ARG A 273 1.01 -14.45 -11.70
CA ARG A 273 0.73 -15.63 -12.52
C ARG A 273 0.73 -15.27 -14.01
N ARG A 274 0.14 -14.13 -14.35
CA ARG A 274 0.08 -13.62 -15.72
C ARG A 274 1.48 -13.41 -16.28
N ALA A 275 2.33 -12.69 -15.53
CA ALA A 275 3.66 -12.40 -15.97
C ALA A 275 4.45 -13.70 -16.19
N ILE A 276 4.21 -14.72 -15.37
CA ILE A 276 4.90 -16.00 -15.49
C ILE A 276 4.44 -16.72 -16.77
N GLU A 277 3.13 -16.86 -16.95
CA GLU A 277 2.59 -17.43 -18.18
C GLU A 277 3.12 -16.73 -19.43
N ASN A 278 3.30 -15.40 -19.38
CA ASN A 278 3.85 -14.64 -20.50
C ASN A 278 5.37 -14.82 -20.58
N GLY A 279 5.96 -15.59 -19.65
CA GLY A 279 7.36 -15.97 -19.76
C GLY A 279 8.35 -15.00 -19.11
N HIS A 280 7.92 -14.24 -18.09
CA HIS A 280 8.83 -13.29 -17.45
C HIS A 280 8.96 -13.60 -15.95
N GLY A 281 8.90 -14.89 -15.56
CA GLY A 281 9.09 -15.31 -14.18
C GLY A 281 10.41 -14.74 -13.61
N GLY A 282 11.43 -14.59 -14.49
CA GLY A 282 12.77 -14.24 -14.05
C GLY A 282 12.97 -12.76 -13.83
N ASP A 283 11.94 -11.94 -14.18
CA ASP A 283 12.08 -10.49 -14.15
C ASP A 283 11.74 -9.91 -12.80
N ASN A 284 12.11 -8.64 -12.62
CA ASN A 284 11.71 -7.91 -11.43
C ASN A 284 10.20 -7.74 -11.43
N TRP A 285 9.64 -7.46 -10.24
CA TRP A 285 8.18 -7.38 -10.04
C TRP A 285 7.49 -6.28 -10.85
N THR A 286 8.22 -5.22 -11.21
CA THR A 286 7.72 -4.13 -12.05
C THR A 286 7.12 -4.66 -13.35
N ARG A 287 7.59 -5.82 -13.81
CA ARG A 287 7.06 -6.43 -15.02
C ARG A 287 5.56 -6.75 -14.91
N ILE A 288 4.98 -6.85 -13.70
CA ILE A 288 3.56 -7.14 -13.63
C ILE A 288 2.73 -6.05 -14.33
N ILE A 289 3.34 -4.86 -14.50
CA ILE A 289 2.63 -3.74 -15.11
C ILE A 289 2.16 -4.10 -16.53
N ASP A 290 2.88 -4.97 -17.22
CA ASP A 290 2.47 -5.32 -18.57
C ASP A 290 1.13 -6.02 -18.58
N GLY A 291 0.97 -7.05 -17.74
CA GLY A 291 -0.31 -7.73 -17.59
C GLY A 291 -1.44 -6.79 -17.13
N ILE A 292 -1.08 -5.82 -16.27
CA ILE A 292 -2.06 -4.90 -15.76
C ILE A 292 -2.58 -4.00 -16.89
N ARG A 293 -1.69 -3.61 -17.83
CA ARG A 293 -2.06 -2.75 -18.93
C ARG A 293 -2.87 -3.51 -19.97
N SER A 294 -2.75 -4.83 -20.01
CA SER A 294 -3.32 -5.62 -21.09
C SER A 294 -4.04 -6.86 -20.57
N PRO A 295 -5.20 -6.75 -19.90
CA PRO A 295 -5.93 -7.96 -19.51
C PRO A 295 -6.42 -8.76 -20.73
N ASP B 5 30.11 -14.46 17.43
CA ASP B 5 30.90 -15.65 17.79
C ASP B 5 31.75 -16.09 16.60
N ARG B 6 32.10 -17.37 16.57
CA ARG B 6 32.86 -17.98 15.47
C ARG B 6 32.15 -19.31 15.24
N THR B 7 30.90 -19.39 15.68
CA THR B 7 30.09 -20.63 15.53
C THR B 7 29.99 -20.97 14.04
N PRO B 8 30.30 -22.20 13.64
CA PRO B 8 30.12 -22.59 12.26
C PRO B 8 28.65 -22.58 11.82
N VAL B 9 28.38 -21.98 10.66
CA VAL B 9 27.04 -21.94 10.11
C VAL B 9 27.02 -22.61 8.74
N THR B 10 26.05 -23.25 8.30
CA THR B 10 25.56 -23.75 7.02
C THR B 10 24.33 -22.94 6.62
N LEU B 11 24.56 -22.57 5.37
CA LEU B 11 23.48 -21.90 4.67
C LEU B 11 23.24 -22.55 3.32
N ILE B 12 21.98 -22.89 3.08
CA ILE B 12 21.55 -23.52 1.84
C ILE B 12 20.58 -22.59 1.12
N GLY B 13 20.85 -22.29 -0.15
CA GLY B 13 20.02 -21.45 -0.99
C GLY B 13 20.77 -20.15 -1.23
N LEU B 14 21.29 -19.97 -2.45
CA LEU B 14 22.13 -18.83 -2.77
C LEU B 14 21.47 -17.94 -3.85
N GLY B 15 20.19 -17.67 -3.65
CA GLY B 15 19.58 -16.48 -4.19
C GLY B 15 20.21 -15.24 -3.54
N PRO B 16 19.70 -14.02 -3.86
CA PRO B 16 20.31 -12.80 -3.36
C PRO B 16 20.28 -12.74 -1.83
N MET B 17 19.21 -13.27 -1.22
CA MET B 17 19.14 -13.26 0.23
C MET B 17 20.20 -14.20 0.83
N GLY B 18 20.19 -15.45 0.36
CA GLY B 18 21.24 -16.38 0.78
C GLY B 18 22.66 -15.82 0.68
N GLN B 19 22.95 -15.13 -0.44
CA GLN B 19 24.31 -14.67 -0.65
C GLN B 19 24.59 -13.53 0.31
N ALA B 20 23.59 -12.65 0.52
CA ALA B 20 23.79 -11.49 1.37
C ALA B 20 23.98 -11.95 2.82
N MET B 21 23.25 -13.00 3.20
CA MET B 21 23.34 -13.49 4.56
C MET B 21 24.70 -14.17 4.80
N THR B 22 25.17 -14.92 3.79
CA THR B 22 26.45 -15.59 3.89
C THR B 22 27.54 -14.54 4.13
N ARG B 23 27.51 -13.47 3.33
CA ARG B 23 28.51 -12.40 3.40
C ARG B 23 28.51 -11.72 4.78
N ALA B 24 27.34 -11.38 5.32
CA ALA B 24 27.22 -10.76 6.63
C ALA B 24 27.80 -11.67 7.72
N LEU B 25 27.48 -12.97 7.62
CA LEU B 25 27.94 -13.98 8.56
C LEU B 25 29.47 -14.12 8.47
N LEU B 26 30.04 -14.19 7.25
CA LEU B 26 31.49 -14.24 7.07
C LEU B 26 32.15 -13.00 7.68
N ALA B 27 31.55 -11.81 7.43
CA ALA B 27 32.12 -10.54 7.85
C ALA B 27 32.15 -10.44 9.36
N ALA B 28 31.23 -11.17 10.01
CA ALA B 28 31.12 -11.22 11.45
C ALA B 28 32.04 -12.30 12.04
N GLY B 29 32.78 -13.01 11.21
CA GLY B 29 33.77 -13.99 11.73
C GLY B 29 33.27 -15.42 11.82
N HIS B 30 32.07 -15.70 11.32
CA HIS B 30 31.56 -17.08 11.35
C HIS B 30 32.05 -17.87 10.15
N PRO B 31 32.51 -19.12 10.34
CA PRO B 31 32.83 -19.98 9.22
C PRO B 31 31.51 -20.39 8.55
N VAL B 32 31.38 -20.18 7.23
CA VAL B 32 30.11 -20.49 6.57
C VAL B 32 30.36 -21.53 5.50
N THR B 33 29.64 -22.64 5.62
CA THR B 33 29.61 -23.70 4.63
C THR B 33 28.30 -23.62 3.86
N VAL B 34 28.39 -23.53 2.52
CA VAL B 34 27.22 -23.32 1.68
C VAL B 34 26.98 -24.55 0.80
N TRP B 35 25.74 -24.67 0.38
CA TRP B 35 25.36 -25.60 -0.68
C TRP B 35 24.26 -24.97 -1.49
N ASN B 36 24.30 -25.15 -2.82
CA ASN B 36 23.24 -24.66 -3.68
C ASN B 36 22.92 -25.71 -4.74
N ARG B 37 21.65 -25.74 -5.18
CA ARG B 37 21.27 -26.65 -6.24
C ARG B 37 22.14 -26.38 -7.48
N THR B 38 22.48 -25.11 -7.74
CA THR B 38 23.34 -24.69 -8.83
C THR B 38 24.67 -24.27 -8.23
N PRO B 39 25.70 -25.13 -8.22
CA PRO B 39 26.96 -24.82 -7.52
C PRO B 39 27.70 -23.60 -8.01
N ALA B 40 27.60 -23.33 -9.31
CA ALA B 40 28.21 -22.19 -9.98
C ALA B 40 27.92 -20.89 -9.23
N ARG B 41 26.68 -20.79 -8.73
CA ARG B 41 26.17 -19.58 -8.14
C ARG B 41 26.91 -19.27 -6.83
N ALA B 42 27.66 -20.26 -6.28
CA ALA B 42 28.36 -20.09 -5.02
C ALA B 42 29.73 -19.45 -5.21
N ALA B 43 30.16 -19.23 -6.47
CA ALA B 43 31.50 -18.72 -6.74
C ALA B 43 31.78 -17.42 -5.99
N GLY B 44 30.81 -16.49 -6.03
CA GLY B 44 30.92 -15.20 -5.36
C GLY B 44 31.23 -15.34 -3.88
N VAL B 45 30.39 -16.09 -3.14
CA VAL B 45 30.58 -16.20 -1.69
C VAL B 45 31.83 -17.01 -1.35
N VAL B 46 32.18 -17.99 -2.21
CA VAL B 46 33.41 -18.76 -2.03
C VAL B 46 34.62 -17.83 -2.13
N ALA B 47 34.62 -16.90 -3.11
CA ALA B 47 35.68 -15.90 -3.18
C ALA B 47 35.72 -15.06 -1.90
N ASP B 48 34.60 -14.93 -1.19
CA ASP B 48 34.55 -14.08 -0.01
C ASP B 48 34.85 -14.90 1.26
N GLY B 49 35.08 -16.22 1.16
CA GLY B 49 35.52 -16.99 2.31
C GLY B 49 34.64 -18.20 2.62
N ALA B 50 33.49 -18.31 1.95
CA ALA B 50 32.60 -19.44 2.18
C ALA B 50 33.24 -20.71 1.68
N VAL B 51 32.88 -21.83 2.31
CA VAL B 51 33.30 -23.15 1.85
C VAL B 51 32.13 -23.84 1.16
N LEU B 52 32.35 -24.29 -0.05
CA LEU B 52 31.27 -24.91 -0.82
C LEU B 52 31.27 -26.41 -0.58
N ALA B 53 30.26 -26.93 0.07
CA ALA B 53 30.15 -28.37 0.24
C ALA B 53 29.73 -28.98 -1.07
N ALA B 54 30.18 -30.21 -1.32
CA ALA B 54 29.89 -30.90 -2.56
C ALA B 54 28.46 -31.43 -2.56
N SER B 55 27.94 -31.71 -1.37
CA SER B 55 26.72 -32.49 -1.20
C SER B 55 25.91 -31.87 -0.05
N PRO B 56 24.58 -32.05 -0.07
CA PRO B 56 23.74 -31.57 1.03
C PRO B 56 24.13 -32.14 2.40
N VAL B 57 24.41 -33.46 2.40
CA VAL B 57 24.83 -34.19 3.58
C VAL B 57 26.05 -33.51 4.17
N GLU B 58 27.03 -33.19 3.34
CA GLU B 58 28.29 -32.65 3.77
C GLU B 58 28.03 -31.27 4.36
N ALA B 59 27.15 -30.48 3.73
CA ALA B 59 26.83 -29.16 4.23
C ALA B 59 26.13 -29.27 5.59
N VAL B 60 25.16 -30.16 5.71
CA VAL B 60 24.43 -30.32 6.96
C VAL B 60 25.39 -30.71 8.08
N GLU B 61 26.38 -31.60 7.79
CA GLU B 61 27.24 -32.14 8.83
C GLU B 61 28.32 -31.14 9.23
N ALA B 62 28.41 -30.01 8.55
CA ALA B 62 29.48 -29.06 8.83
C ALA B 62 29.16 -28.20 10.05
N GLY B 63 27.87 -28.09 10.44
CA GLY B 63 27.46 -27.20 11.52
C GLY B 63 26.28 -27.70 12.36
N ASP B 64 26.10 -27.05 13.52
CA ASP B 64 24.95 -27.30 14.38
C ASP B 64 23.76 -26.45 13.92
N LEU B 65 24.00 -25.53 13.00
CA LEU B 65 23.04 -24.54 12.57
C LEU B 65 22.94 -24.53 11.06
N VAL B 66 21.76 -24.86 10.54
CA VAL B 66 21.46 -24.92 9.12
C VAL B 66 20.39 -23.89 8.80
N ILE B 67 20.76 -22.85 8.03
CA ILE B 67 19.85 -21.82 7.55
C ILE B 67 19.41 -22.13 6.13
N LEU B 68 18.11 -22.00 5.88
CA LEU B 68 17.57 -22.28 4.56
C LEU B 68 16.99 -20.98 4.01
N SER B 69 17.46 -20.56 2.83
CA SER B 69 16.92 -19.39 2.19
C SER B 69 16.46 -19.79 0.79
N LEU B 70 15.26 -20.38 0.70
CA LEU B 70 14.77 -21.00 -0.53
C LEU B 70 13.43 -20.41 -0.90
N THR B 71 13.01 -20.63 -2.15
CA THR B 71 11.81 -19.98 -2.64
C THR B 71 10.59 -20.40 -1.82
N ASP B 72 10.58 -21.68 -1.41
CA ASP B 72 9.47 -22.22 -0.65
C ASP B 72 9.90 -23.46 0.17
N TYR B 73 8.94 -24.07 0.88
CA TYR B 73 9.26 -25.16 1.79
C TYR B 73 9.41 -26.47 1.06
N GLN B 74 8.77 -26.62 -0.12
CA GLN B 74 8.99 -27.80 -0.94
C GLN B 74 10.48 -27.93 -1.25
N ALA B 75 11.14 -26.79 -1.50
CA ALA B 75 12.57 -26.71 -1.72
C ALA B 75 13.36 -27.25 -0.52
N MET B 76 12.90 -27.03 0.71
CA MET B 76 13.58 -27.59 1.87
C MET B 76 13.53 -29.12 1.82
N TYR B 77 12.36 -29.69 1.54
CA TYR B 77 12.25 -31.15 1.43
C TYR B 77 13.16 -31.70 0.32
N ASP B 78 13.13 -31.05 -0.85
CA ASP B 78 13.92 -31.44 -2.01
C ASP B 78 15.41 -31.52 -1.66
N VAL B 79 15.94 -30.48 -1.03
CA VAL B 79 17.35 -30.36 -0.73
C VAL B 79 17.75 -31.26 0.45
N LEU B 80 16.91 -31.38 1.47
CA LEU B 80 17.32 -32.09 2.69
C LEU B 80 16.93 -33.57 2.64
N GLU B 81 16.05 -34.03 1.72
CA GLU B 81 15.65 -35.44 1.72
C GLU B 81 16.87 -36.34 1.76
N PRO B 82 17.90 -36.17 0.90
CA PRO B 82 19.06 -37.04 0.98
C PRO B 82 19.86 -36.94 2.27
N ALA B 83 19.65 -35.84 3.05
CA ALA B 83 20.45 -35.58 4.24
C ALA B 83 19.67 -35.85 5.52
N THR B 84 18.49 -36.50 5.44
CA THR B 84 17.63 -36.61 6.61
C THR B 84 18.34 -37.36 7.74
N GLY B 85 19.19 -38.33 7.39
CA GLY B 85 19.96 -39.10 8.33
C GLY B 85 21.02 -38.27 9.07
N SER B 86 21.28 -37.02 8.67
CA SER B 86 22.37 -36.26 9.31
C SER B 86 21.82 -35.05 10.06
N LEU B 87 20.49 -34.95 10.13
CA LEU B 87 19.81 -33.85 10.80
C LEU B 87 19.86 -33.89 12.32
N ALA B 88 20.01 -35.10 12.93
CA ALA B 88 19.86 -35.27 14.36
C ALA B 88 20.84 -34.35 15.12
N GLY B 89 20.36 -33.66 16.16
CA GLY B 89 21.21 -32.83 16.99
C GLY B 89 21.45 -31.43 16.44
N ARG B 90 20.92 -31.12 15.24
CA ARG B 90 21.13 -29.82 14.63
C ARG B 90 19.86 -28.99 14.66
N THR B 91 20.01 -27.68 14.45
CA THR B 91 18.91 -26.74 14.37
C THR B 91 18.71 -26.33 12.91
N VAL B 92 17.49 -26.47 12.41
CA VAL B 92 17.14 -25.92 11.12
C VAL B 92 16.45 -24.58 11.36
N VAL B 93 16.99 -23.53 10.76
CA VAL B 93 16.35 -22.23 10.74
C VAL B 93 15.89 -21.98 9.31
N ASN B 94 14.58 -21.98 9.09
CA ASN B 94 14.08 -21.78 7.76
C ASN B 94 13.66 -20.31 7.60
N LEU B 95 14.31 -19.64 6.65
CA LEU B 95 14.06 -18.24 6.34
C LEU B 95 13.34 -18.13 5.00
N SER B 96 12.43 -19.08 4.72
CA SER B 96 11.72 -19.13 3.46
C SER B 96 10.22 -18.84 3.65
N SER B 97 9.63 -18.23 2.61
CA SER B 97 8.20 -18.00 2.50
C SER B 97 7.45 -19.32 2.26
N ASP B 98 6.32 -19.49 2.95
CA ASP B 98 5.36 -20.56 2.69
C ASP B 98 4.17 -20.31 3.61
N THR B 99 3.14 -21.16 3.54
CA THR B 99 1.98 -21.02 4.40
C THR B 99 2.36 -21.32 5.85
N PRO B 100 1.64 -20.78 6.84
CA PRO B 100 1.83 -21.15 8.24
C PRO B 100 1.72 -22.63 8.57
N ASP B 101 0.77 -23.35 7.96
CA ASP B 101 0.54 -24.76 8.23
C ASP B 101 1.62 -25.66 7.60
N ARG B 102 2.09 -25.34 6.40
CA ARG B 102 3.23 -26.03 5.84
C ARG B 102 4.40 -25.93 6.82
N THR B 103 4.60 -24.74 7.38
CA THR B 103 5.69 -24.46 8.30
C THR B 103 5.54 -25.30 9.57
N ARG B 104 4.33 -25.36 10.15
CA ARG B 104 4.13 -26.12 11.38
C ARG B 104 4.43 -27.60 11.16
N ALA B 105 3.95 -28.16 10.07
CA ALA B 105 4.19 -29.55 9.74
C ALA B 105 5.68 -29.79 9.46
N ALA B 106 6.38 -28.77 8.92
CA ALA B 106 7.80 -28.90 8.64
C ALA B 106 8.60 -28.94 9.94
N ALA B 107 8.16 -28.16 10.93
CA ALA B 107 8.76 -28.24 12.25
C ALA B 107 8.63 -29.66 12.81
N ASP B 108 7.44 -30.28 12.68
CA ASP B 108 7.26 -31.65 13.18
C ASP B 108 8.16 -32.63 12.40
N TRP B 109 8.31 -32.43 11.09
CA TRP B 109 9.21 -33.24 10.29
C TRP B 109 10.65 -33.09 10.76
N ALA B 110 11.11 -31.87 11.10
CA ALA B 110 12.45 -31.74 11.69
C ALA B 110 12.57 -32.51 13.00
N THR B 111 11.62 -32.35 13.92
CA THR B 111 11.68 -33.04 15.21
C THR B 111 11.79 -34.56 15.04
N GLU B 112 11.04 -35.12 14.08
CA GLU B 112 11.01 -36.54 13.78
C GLU B 112 12.37 -37.04 13.28
N HIS B 113 13.11 -36.17 12.61
CA HIS B 113 14.48 -36.44 12.17
C HIS B 113 15.49 -36.00 13.24
N GLY B 114 15.02 -35.67 14.45
CA GLY B 114 15.94 -35.45 15.56
C GLY B 114 16.53 -34.04 15.66
N ALA B 115 16.03 -33.12 14.82
CA ALA B 115 16.49 -31.74 14.77
C ALA B 115 15.48 -30.84 15.45
N THR B 116 15.97 -29.68 15.90
CA THR B 116 15.17 -28.57 16.33
C THR B 116 14.89 -27.67 15.14
N PHE B 117 13.86 -26.82 15.28
CA PHE B 117 13.39 -26.02 14.16
C PHE B 117 13.04 -24.63 14.63
N LEU B 118 13.42 -23.64 13.83
CA LEU B 118 12.99 -22.27 14.05
C LEU B 118 12.49 -21.71 12.73
N THR B 119 11.41 -20.91 12.82
CA THR B 119 10.88 -20.18 11.70
C THR B 119 11.42 -18.75 11.74
N GLY B 120 11.84 -18.26 10.57
CA GLY B 120 12.20 -16.87 10.39
C GLY B 120 11.56 -16.31 9.13
N GLY B 121 11.30 -15.00 9.18
CA GLY B 121 10.77 -14.20 8.10
C GLY B 121 11.59 -12.91 8.03
N VAL B 122 12.40 -12.78 6.97
CA VAL B 122 13.33 -11.69 6.83
C VAL B 122 12.58 -10.51 6.22
N MET B 123 12.74 -9.30 6.79
CA MET B 123 11.79 -8.24 6.48
C MET B 123 12.39 -7.13 5.62
N ILE B 124 13.56 -7.35 5.03
CA ILE B 124 14.24 -6.34 4.25
C ILE B 124 14.85 -7.00 3.01
N PRO B 125 15.12 -6.22 1.92
CA PRO B 125 15.79 -6.77 0.74
C PRO B 125 17.28 -7.02 0.96
N ALA B 126 17.93 -7.69 0.00
CA ALA B 126 19.25 -8.26 0.20
C ALA B 126 20.28 -7.17 0.54
N PRO B 127 20.25 -5.98 -0.08
CA PRO B 127 21.23 -4.95 0.24
C PRO B 127 21.13 -4.42 1.65
N MET B 128 19.99 -4.64 2.32
CA MET B 128 19.80 -4.15 3.67
C MET B 128 20.13 -5.23 4.71
N VAL B 129 20.37 -6.47 4.26
CA VAL B 129 20.72 -7.54 5.19
C VAL B 129 21.96 -7.16 5.98
N GLY B 130 21.93 -7.35 7.29
CA GLY B 130 23.11 -7.17 8.10
C GLY B 130 23.40 -5.71 8.43
N THR B 131 22.43 -4.82 8.13
CA THR B 131 22.52 -3.40 8.45
C THR B 131 21.55 -3.09 9.60
N GLU B 132 21.67 -1.84 10.14
CA GLU B 132 20.84 -1.36 11.25
C GLU B 132 19.37 -1.39 10.90
N GLU B 133 19.03 -1.33 9.63
CA GLU B 133 17.64 -1.29 9.20
C GLU B 133 17.04 -2.70 9.16
N ALA B 134 17.86 -3.74 9.32
CA ALA B 134 17.40 -5.09 9.07
C ALA B 134 16.68 -5.66 10.30
N TYR B 135 15.61 -6.43 10.04
CA TYR B 135 14.93 -7.12 11.13
C TYR B 135 14.31 -8.39 10.59
N VAL B 136 14.13 -9.38 11.49
CA VAL B 136 13.68 -10.71 11.13
C VAL B 136 12.75 -11.19 12.24
N TYR B 137 11.59 -11.76 11.86
CA TYR B 137 10.65 -12.34 12.78
C TYR B 137 11.03 -13.80 13.01
N TYR B 138 10.87 -14.28 14.24
CA TYR B 138 11.23 -15.64 14.63
C TYR B 138 10.12 -16.20 15.51
N SER B 139 9.82 -17.47 15.30
CA SER B 139 8.88 -18.15 16.18
C SER B 139 9.32 -19.63 16.26
N GLY B 140 8.92 -20.28 17.35
CA GLY B 140 9.44 -21.60 17.69
C GLY B 140 9.93 -21.68 19.14
N PRO B 141 10.56 -22.82 19.53
CA PRO B 141 10.99 -23.04 20.92
C PRO B 141 11.93 -21.95 21.45
N ALA B 142 11.57 -21.37 22.60
CA ALA B 142 12.34 -20.26 23.16
C ALA B 142 13.81 -20.63 23.39
N GLU B 143 14.08 -21.88 23.81
CA GLU B 143 15.42 -22.34 24.16
C GLU B 143 16.28 -22.41 22.90
N VAL B 144 15.67 -22.87 21.81
CA VAL B 144 16.35 -22.96 20.53
C VAL B 144 16.69 -21.57 19.98
N PHE B 145 15.75 -20.61 20.05
CA PHE B 145 16.01 -19.25 19.64
C PHE B 145 17.16 -18.68 20.46
N GLU B 146 17.12 -18.91 21.78
CA GLU B 146 18.12 -18.32 22.68
C GLU B 146 19.51 -18.87 22.38
N LYS B 147 19.60 -20.17 22.08
CA LYS B 147 20.87 -20.83 21.83
C LYS B 147 21.60 -20.20 20.64
N HIS B 148 20.85 -19.71 19.63
CA HIS B 148 21.45 -19.27 18.38
C HIS B 148 21.25 -17.77 18.15
N ARG B 149 20.65 -17.08 19.11
CA ARG B 149 20.26 -15.70 18.89
C ARG B 149 21.47 -14.87 18.45
N THR B 150 22.61 -15.05 19.09
CA THR B 150 23.74 -14.20 18.77
C THR B 150 24.23 -14.45 17.35
N THR B 151 24.06 -15.66 16.81
CA THR B 151 24.40 -15.86 15.42
C THR B 151 23.39 -15.17 14.50
N LEU B 152 22.11 -15.37 14.80
CA LEU B 152 21.03 -14.84 13.99
C LEU B 152 21.04 -13.31 13.94
N THR B 153 21.53 -12.64 15.01
CA THR B 153 21.50 -11.18 15.05
C THR B 153 22.35 -10.57 13.94
N VAL B 154 23.34 -11.30 13.45
CA VAL B 154 24.14 -10.78 12.34
C VAL B 154 23.26 -10.47 11.12
N ILE B 155 22.23 -11.26 10.81
CA ILE B 155 21.37 -11.02 9.66
C ILE B 155 20.51 -9.76 9.86
N GLY B 156 20.09 -9.52 11.10
CA GLY B 156 19.16 -8.45 11.43
C GLY B 156 18.57 -8.60 12.82
N ALA B 157 18.01 -7.51 13.35
CA ALA B 157 17.41 -7.49 14.66
C ALA B 157 16.33 -8.57 14.72
N PRO B 158 16.38 -9.52 15.67
CA PRO B 158 15.34 -10.53 15.77
C PRO B 158 14.12 -9.99 16.52
N ARG B 159 12.93 -10.43 16.08
CA ARG B 159 11.69 -10.10 16.74
C ARG B 159 10.97 -11.42 16.97
N TYR B 160 11.25 -11.95 18.17
CA TYR B 160 10.75 -13.23 18.58
C TYR B 160 9.28 -13.06 18.96
N LEU B 161 8.42 -13.91 18.41
CA LEU B 161 6.98 -13.78 18.55
C LEU B 161 6.41 -14.88 19.45
N GLY B 162 7.17 -15.92 19.78
CA GLY B 162 6.68 -16.96 20.66
C GLY B 162 6.85 -18.35 20.07
N GLU B 163 6.12 -19.30 20.66
CA GLU B 163 6.42 -20.71 20.59
C GLU B 163 5.79 -21.34 19.36
N ASP B 164 4.76 -20.74 18.78
CA ASP B 164 4.08 -21.36 17.65
C ASP B 164 4.94 -21.18 16.40
N THR B 165 5.43 -22.27 15.81
CA THR B 165 6.28 -22.18 14.63
C THR B 165 5.58 -21.49 13.45
N GLY B 166 4.24 -21.57 13.39
CA GLY B 166 3.44 -20.93 12.36
C GLY B 166 3.41 -19.39 12.45
N LEU B 167 3.71 -18.85 13.62
CA LEU B 167 3.42 -17.45 13.89
C LEU B 167 4.34 -16.51 13.12
N ALA B 168 5.64 -16.79 13.04
CA ALA B 168 6.54 -15.87 12.33
C ALA B 168 6.28 -15.99 10.83
N GLN B 169 5.79 -17.14 10.39
CA GLN B 169 5.35 -17.29 9.02
C GLN B 169 4.08 -16.50 8.75
N LEU B 170 3.10 -16.55 9.66
CA LEU B 170 1.88 -15.77 9.49
C LEU B 170 2.21 -14.28 9.48
N MET B 171 3.12 -13.81 10.34
CA MET B 171 3.51 -12.42 10.38
C MET B 171 4.13 -12.01 9.06
N TYR B 172 5.05 -12.84 8.55
CA TYR B 172 5.67 -12.60 7.24
C TYR B 172 4.57 -12.51 6.18
N GLN B 173 3.65 -13.48 6.13
CA GLN B 173 2.64 -13.45 5.08
C GLN B 173 1.74 -12.24 5.23
N ALA B 174 1.55 -11.77 6.48
CA ALA B 174 0.70 -10.61 6.69
C ALA B 174 1.41 -9.37 6.17
N GLN B 175 2.73 -9.29 6.45
CA GLN B 175 3.51 -8.15 6.05
C GLN B 175 3.61 -8.11 4.52
N LEU B 176 3.76 -9.28 3.88
CA LEU B 176 3.90 -9.35 2.43
C LEU B 176 2.52 -9.16 1.76
N ASP B 177 1.45 -9.42 2.50
CA ASP B 177 0.08 -9.10 2.06
C ASP B 177 -0.02 -7.60 1.82
N VAL B 178 0.47 -6.83 2.79
CA VAL B 178 0.47 -5.38 2.65
C VAL B 178 1.43 -4.99 1.56
N PHE B 179 2.67 -5.48 1.63
CA PHE B 179 3.74 -5.03 0.74
C PHE B 179 3.43 -5.34 -0.71
N LEU B 180 3.11 -6.61 -1.05
CA LEU B 180 2.79 -6.96 -2.42
C LEU B 180 1.54 -6.25 -2.93
N THR B 181 0.50 -6.15 -2.10
CA THR B 181 -0.73 -5.47 -2.52
C THR B 181 -0.39 -4.01 -2.81
N THR B 182 0.39 -3.35 -1.95
CA THR B 182 0.80 -1.99 -2.17
C THR B 182 1.51 -1.86 -3.52
N LEU B 183 2.47 -2.77 -3.78
CA LEU B 183 3.26 -2.72 -5.01
C LEU B 183 2.34 -2.91 -6.19
N SER B 184 1.43 -3.89 -6.13
CA SER B 184 0.51 -4.07 -7.24
C SER B 184 -0.30 -2.79 -7.45
N SER B 185 -0.66 -2.09 -6.37
CA SER B 185 -1.46 -0.88 -6.53
C SER B 185 -0.61 0.20 -7.21
N LEU B 186 0.68 0.30 -6.85
CA LEU B 186 1.56 1.27 -7.48
C LEU B 186 1.64 1.01 -8.99
N MET B 187 1.70 -0.27 -9.37
CA MET B 187 1.77 -0.59 -10.78
C MET B 187 0.41 -0.29 -11.43
N HIS B 188 -0.66 -0.55 -10.69
CA HIS B 188 -1.99 -0.25 -11.22
C HIS B 188 -2.14 1.26 -11.49
N ALA B 189 -1.80 2.11 -10.51
CA ALA B 189 -1.84 3.56 -10.64
C ALA B 189 -0.94 4.03 -11.77
N THR B 190 0.29 3.52 -11.83
CA THR B 190 1.21 3.86 -12.90
C THR B 190 0.57 3.55 -14.27
N ALA B 191 0.00 2.34 -14.40
CA ALA B 191 -0.68 1.98 -15.63
C ALA B 191 -1.77 3.00 -15.95
N LEU B 192 -2.56 3.38 -14.95
CA LEU B 192 -3.71 4.25 -15.18
C LEU B 192 -3.26 5.62 -15.70
N LEU B 193 -2.26 6.23 -15.04
CA LEU B 193 -1.69 7.49 -15.47
C LEU B 193 -1.01 7.36 -16.83
N GLY B 194 -0.48 6.17 -17.12
CA GLY B 194 0.09 5.85 -18.40
C GLY B 194 -0.90 6.02 -19.54
N THR B 195 -2.20 5.79 -19.32
CA THR B 195 -3.16 5.83 -20.42
C THR B 195 -3.46 7.26 -20.86
N ALA B 196 -3.03 8.26 -20.08
CA ALA B 196 -3.13 9.65 -20.48
C ALA B 196 -1.74 10.18 -20.83
N GLY B 197 -0.79 9.26 -21.06
CA GLY B 197 0.54 9.61 -21.54
C GLY B 197 1.47 10.11 -20.44
N VAL B 198 1.12 9.90 -19.17
CA VAL B 198 2.06 10.21 -18.10
C VAL B 198 3.02 9.02 -17.93
N SER B 199 4.32 9.32 -17.93
CA SER B 199 5.34 8.31 -17.81
C SER B 199 5.51 7.88 -16.35
N ALA B 200 6.08 6.67 -16.18
CA ALA B 200 6.27 6.11 -14.87
C ALA B 200 7.33 6.91 -14.11
N ALA B 201 8.28 7.51 -14.82
CA ALA B 201 9.29 8.31 -14.12
C ALA B 201 8.63 9.56 -13.48
N GLU B 202 7.54 10.05 -14.09
CA GLU B 202 6.81 11.18 -13.54
C GLU B 202 5.85 10.69 -12.45
N SER B 203 5.18 9.56 -12.70
CA SER B 203 4.09 9.16 -11.85
C SER B 203 4.60 8.52 -10.55
N MET B 204 5.65 7.69 -10.63
CA MET B 204 6.03 6.92 -9.46
C MET B 204 6.50 7.83 -8.32
N PRO B 205 7.27 8.91 -8.52
CA PRO B 205 7.60 9.80 -7.40
C PRO B 205 6.40 10.51 -6.80
N GLU B 206 5.35 10.77 -7.59
CA GLU B 206 4.11 11.33 -7.05
C GLU B 206 3.45 10.31 -6.12
N LEU B 207 3.31 9.06 -6.59
CA LEU B 207 2.66 8.00 -5.83
C LEU B 207 3.44 7.64 -4.56
N ILE B 208 4.78 7.63 -4.66
CA ILE B 208 5.62 7.26 -3.52
C ILE B 208 5.63 8.43 -2.55
N GLY B 209 5.58 9.65 -3.09
CA GLY B 209 5.51 10.84 -2.25
C GLY B 209 4.29 10.79 -1.33
N MET B 210 3.18 10.27 -1.88
CA MET B 210 1.94 10.14 -1.13
C MET B 210 2.05 9.02 -0.09
N LEU B 211 2.61 7.89 -0.50
CA LEU B 211 2.70 6.71 0.33
C LEU B 211 3.56 6.97 1.57
N ARG B 212 4.59 7.81 1.40
CA ARG B 212 5.44 8.24 2.48
C ARG B 212 4.63 8.92 3.57
N THR B 213 3.56 9.62 3.18
CA THR B 213 2.76 10.38 4.14
C THR B 213 1.68 9.52 4.80
N VAL B 214 1.51 8.27 4.41
CA VAL B 214 0.34 7.51 4.81
C VAL B 214 0.26 7.30 6.32
N PRO B 215 1.34 6.92 7.04
CA PRO B 215 1.30 6.85 8.50
C PRO B 215 0.79 8.13 9.19
N ALA B 216 1.31 9.28 8.78
CA ALA B 216 0.84 10.57 9.31
C ALA B 216 -0.65 10.81 9.03
N MET B 217 -1.07 10.48 7.81
CA MET B 217 -2.44 10.80 7.42
C MET B 217 -3.40 9.97 8.27
N LEU B 218 -3.02 8.74 8.57
CA LEU B 218 -3.87 7.83 9.33
C LEU B 218 -4.03 8.30 10.77
N GLU B 219 -3.03 9.07 11.27
CA GLU B 219 -3.02 9.56 12.64
C GLU B 219 -3.60 10.96 12.79
N ALA B 220 -3.88 11.66 11.68
CA ALA B 220 -4.46 13.00 11.70
C ALA B 220 -5.85 12.98 12.35
N GLY B 221 -6.08 14.00 13.20
CA GLY B 221 -7.31 14.15 13.96
C GLY B 221 -7.43 13.16 15.14
N GLY B 222 -6.31 12.54 15.54
CA GLY B 222 -6.25 11.66 16.70
C GLY B 222 -7.01 10.34 16.50
N GLU B 223 -6.99 9.82 15.28
CA GLU B 223 -7.37 8.44 15.06
C GLU B 223 -6.19 7.56 15.52
N ASN B 224 -6.47 6.31 15.91
CA ASN B 224 -5.42 5.34 16.27
C ASN B 224 -5.89 3.93 15.88
N PRO B 225 -6.08 3.69 14.56
CA PRO B 225 -6.85 2.57 14.00
C PRO B 225 -6.86 1.22 14.71
N GLY B 226 -5.69 0.79 15.23
CA GLY B 226 -5.55 -0.53 15.82
C GLY B 226 -6.48 -0.72 17.02
N ALA B 227 -6.25 0.09 18.06
CA ALA B 227 -7.07 0.09 19.26
C ALA B 227 -8.54 0.32 18.88
N ASP B 228 -8.77 1.17 17.89
CA ASP B 228 -10.12 1.46 17.45
C ASP B 228 -10.77 0.18 16.92
N ILE B 229 -10.06 -0.61 16.12
CA ILE B 229 -10.63 -1.82 15.53
C ILE B 229 -10.85 -2.89 16.61
N ASP B 230 -9.96 -2.89 17.60
CA ASP B 230 -10.08 -3.81 18.74
C ASP B 230 -11.29 -3.40 19.58
N ALA B 231 -11.45 -2.08 19.79
CA ALA B 231 -12.58 -1.53 20.55
C ALA B 231 -13.88 -1.52 19.74
N ASP B 232 -13.86 -1.78 18.43
CA ASP B 232 -15.03 -1.67 17.58
C ASP B 232 -15.49 -0.19 17.47
N LYS B 233 -14.57 0.76 17.64
CA LYS B 233 -14.78 2.19 17.40
C LYS B 233 -14.51 2.50 15.92
N HIS B 234 -15.60 2.62 15.11
CA HIS B 234 -15.49 3.03 13.73
C HIS B 234 -16.27 4.32 13.41
N PRO B 235 -15.91 5.45 14.05
CA PRO B 235 -16.66 6.70 13.89
C PRO B 235 -16.28 7.41 12.59
N GLY B 236 -17.30 7.87 11.86
CA GLY B 236 -17.16 8.37 10.50
C GLY B 236 -16.90 9.87 10.38
N ASP B 237 -16.40 10.52 11.45
CA ASP B 237 -16.33 11.97 11.58
C ASP B 237 -15.54 12.63 10.45
N LEU B 238 -14.37 12.09 10.14
CA LEU B 238 -13.44 12.74 9.23
C LEU B 238 -13.41 12.05 7.85
N SER B 239 -14.12 10.93 7.70
CA SER B 239 -14.15 10.18 6.45
C SER B 239 -15.15 9.04 6.57
N THR B 240 -16.01 8.86 5.59
CA THR B 240 -17.00 7.79 5.69
C THR B 240 -16.81 6.75 4.62
N ILE B 241 -17.36 5.58 4.90
CA ILE B 241 -17.34 4.48 3.96
C ILE B 241 -18.13 4.87 2.70
N THR B 242 -19.15 5.70 2.87
CA THR B 242 -19.92 6.12 1.69
C THR B 242 -19.02 6.91 0.73
N MET B 243 -18.22 7.82 1.30
CA MET B 243 -17.41 8.74 0.57
C MET B 243 -16.23 8.01 -0.04
N MET B 244 -15.66 7.06 0.72
CA MET B 244 -14.51 6.28 0.25
C MET B 244 -14.95 5.20 -0.73
N GLY B 245 -16.12 4.61 -0.50
CA GLY B 245 -16.74 3.68 -1.45
C GLY B 245 -16.96 4.34 -2.81
N ALA B 246 -17.41 5.61 -2.80
CA ALA B 246 -17.66 6.29 -4.07
C ALA B 246 -16.36 6.41 -4.85
N THR B 247 -15.29 6.91 -4.21
CA THR B 247 -14.00 6.97 -4.84
C THR B 247 -13.60 5.59 -5.37
N ALA B 248 -13.86 4.54 -4.63
CA ALA B 248 -13.53 3.19 -5.09
C ALA B 248 -14.34 2.88 -6.36
N ASP B 249 -15.57 3.37 -6.43
CA ASP B 249 -16.40 3.25 -7.63
C ASP B 249 -15.75 4.02 -8.78
N HIS B 250 -15.16 5.18 -8.46
CA HIS B 250 -14.61 6.08 -9.46
C HIS B 250 -13.35 5.48 -10.05
N ILE B 251 -12.58 4.78 -9.18
CA ILE B 251 -11.37 4.10 -9.63
C ILE B 251 -11.76 2.96 -10.57
N VAL B 252 -12.75 2.19 -10.19
CA VAL B 252 -13.18 1.12 -11.07
C VAL B 252 -13.59 1.71 -12.41
N GLY B 253 -14.43 2.77 -12.41
CA GLY B 253 -14.89 3.39 -13.65
C GLY B 253 -13.74 3.91 -14.50
N ALA B 254 -12.77 4.57 -13.88
CA ALA B 254 -11.64 5.07 -14.59
C ALA B 254 -10.84 3.92 -15.20
N SER B 255 -10.73 2.81 -14.46
CA SER B 255 -9.96 1.65 -14.87
C SER B 255 -10.65 0.96 -16.04
N GLU B 256 -11.98 0.86 -16.00
CA GLU B 256 -12.73 0.27 -17.10
C GLU B 256 -12.41 1.05 -18.37
N THR B 257 -12.45 2.38 -18.24
CA THR B 257 -12.26 3.28 -19.37
C THR B 257 -10.82 3.22 -19.85
N ALA B 258 -9.90 2.94 -18.90
CA ALA B 258 -8.48 2.91 -19.21
C ALA B 258 -8.08 1.57 -19.82
N GLY B 259 -8.96 0.56 -19.82
CA GLY B 259 -8.62 -0.75 -20.35
C GLY B 259 -7.62 -1.53 -19.48
N ILE B 260 -7.55 -1.29 -18.17
CA ILE B 260 -6.55 -1.95 -17.33
C ILE B 260 -7.26 -2.92 -16.40
N ASP B 261 -6.47 -3.61 -15.57
CA ASP B 261 -6.96 -4.69 -14.73
C ASP B 261 -8.03 -4.14 -13.80
N LEU B 262 -9.15 -4.86 -13.78
CA LEU B 262 -10.30 -4.54 -12.93
C LEU B 262 -10.31 -5.34 -11.62
N ALA B 263 -9.61 -6.49 -11.54
CA ALA B 263 -9.74 -7.33 -10.35
C ALA B 263 -9.21 -6.61 -9.10
N LEU B 264 -8.00 -6.04 -9.18
CA LEU B 264 -7.49 -5.35 -8.00
C LEU B 264 -8.48 -4.26 -7.52
N PRO B 265 -8.89 -3.25 -8.30
CA PRO B 265 -9.83 -2.24 -7.79
C PRO B 265 -11.23 -2.74 -7.40
N ARG B 266 -11.75 -3.74 -8.09
CA ARG B 266 -13.03 -4.30 -7.72
C ARG B 266 -12.98 -5.04 -6.38
N ALA B 267 -11.82 -5.61 -6.02
CA ALA B 267 -11.69 -6.22 -4.70
C ALA B 267 -11.82 -5.13 -3.64
N VAL B 268 -11.22 -3.97 -3.92
CA VAL B 268 -11.28 -2.86 -2.98
C VAL B 268 -12.70 -2.29 -2.95
N GLN B 269 -13.27 -2.13 -4.14
CA GLN B 269 -14.65 -1.68 -4.24
C GLN B 269 -15.58 -2.56 -3.42
N ALA B 270 -15.34 -3.90 -3.42
CA ALA B 270 -16.26 -4.83 -2.75
C ALA B 270 -16.20 -4.70 -1.23
N HIS B 271 -15.05 -4.24 -0.72
CA HIS B 271 -14.89 -4.08 0.71
C HIS B 271 -15.86 -3.00 1.18
N TYR B 272 -15.95 -1.91 0.39
CA TYR B 272 -16.82 -0.79 0.75
C TYR B 272 -18.27 -1.18 0.52
N ARG B 273 -18.55 -1.81 -0.62
CA ARG B 273 -19.90 -2.20 -0.97
C ARG B 273 -20.51 -3.08 0.11
N ARG B 274 -19.70 -4.00 0.65
CA ARG B 274 -20.14 -4.95 1.66
C ARG B 274 -20.50 -4.22 2.95
N ALA B 275 -19.62 -3.33 3.40
CA ALA B 275 -19.84 -2.57 4.60
C ALA B 275 -21.15 -1.76 4.47
N ILE B 276 -21.43 -1.23 3.28
CA ILE B 276 -22.62 -0.43 3.06
C ILE B 276 -23.87 -1.31 3.12
N GLU B 277 -23.87 -2.41 2.37
CA GLU B 277 -24.96 -3.37 2.44
C GLU B 277 -25.26 -3.79 3.87
N ASN B 278 -24.22 -3.99 4.69
CA ASN B 278 -24.40 -4.39 6.08
C ASN B 278 -24.80 -3.19 6.94
N GLY B 279 -24.93 -2.00 6.32
CA GLY B 279 -25.51 -0.82 6.96
C GLY B 279 -24.50 0.03 7.74
N HIS B 280 -23.23 0.04 7.34
CA HIS B 280 -22.23 0.87 8.02
C HIS B 280 -21.60 1.91 7.08
N GLY B 281 -22.38 2.41 6.10
CA GLY B 281 -21.95 3.48 5.22
C GLY B 281 -21.36 4.67 6.00
N GLY B 282 -21.89 4.90 7.21
CA GLY B 282 -21.58 6.11 7.96
C GLY B 282 -20.27 6.00 8.75
N ASP B 283 -19.70 4.78 8.78
CA ASP B 283 -18.53 4.50 9.60
C ASP B 283 -17.23 4.86 8.93
N ASN B 284 -16.18 4.94 9.73
CA ASN B 284 -14.83 5.07 9.22
C ASN B 284 -14.47 3.81 8.41
N TRP B 285 -13.45 3.92 7.56
CA TRP B 285 -13.04 2.88 6.61
C TRP B 285 -12.56 1.60 7.27
N THR B 286 -12.04 1.69 8.51
CA THR B 286 -11.62 0.53 9.29
C THR B 286 -12.72 -0.51 9.40
N ARG B 287 -13.97 -0.08 9.31
CA ARG B 287 -15.10 -1.00 9.35
C ARG B 287 -15.06 -2.04 8.22
N ILE B 288 -14.31 -1.82 7.15
CA ILE B 288 -14.29 -2.84 6.09
C ILE B 288 -13.74 -4.16 6.63
N ILE B 289 -12.99 -4.10 7.75
CA ILE B 289 -12.35 -5.31 8.26
C ILE B 289 -13.41 -6.36 8.61
N ASP B 290 -14.62 -5.92 9.00
CA ASP B 290 -15.64 -6.90 9.36
C ASP B 290 -16.02 -7.76 8.16
N GLY B 291 -16.29 -7.15 7.01
CA GLY B 291 -16.60 -7.91 5.80
C GLY B 291 -15.41 -8.78 5.34
N ILE B 292 -14.21 -8.29 5.58
CA ILE B 292 -13.02 -9.05 5.17
C ILE B 292 -12.91 -10.32 6.05
N ARG B 293 -13.30 -10.25 7.33
CA ARG B 293 -13.26 -11.40 8.22
C ARG B 293 -14.37 -12.40 7.91
N SER B 294 -15.44 -11.94 7.27
CA SER B 294 -16.62 -12.79 7.11
C SER B 294 -17.16 -12.73 5.69
N PRO B 295 -16.48 -13.33 4.69
CA PRO B 295 -17.01 -13.37 3.33
C PRO B 295 -18.26 -14.27 3.23
S SO4 C . -20.74 17.04 10.96
O1 SO4 C . -20.26 17.56 9.71
O2 SO4 C . -20.13 17.77 12.05
O3 SO4 C . -22.17 17.18 11.04
O4 SO4 C . -20.38 15.65 11.05
PA NAP D . -18.60 13.70 1.94
O1A NAP D . -18.15 13.26 0.61
O2A NAP D . -19.03 12.81 3.04
O5B NAP D . -19.76 14.81 1.83
C5B NAP D . -19.49 16.16 1.35
C4B NAP D . -20.80 16.86 1.04
O4B NAP D . -21.47 16.12 -0.01
C3B NAP D . -21.84 16.97 2.17
O3B NAP D . -22.07 18.35 2.47
C2B NAP D . -23.07 16.26 1.61
O2B NAP D . -24.34 16.81 1.89
C1B NAP D . -22.82 16.47 0.13
N9A NAP D . -23.62 15.68 -0.81
C8A NAP D . -23.40 14.39 -1.20
N7A NAP D . -24.27 13.94 -2.10
C5A NAP D . -25.03 15.07 -2.39
C6A NAP D . -26.08 15.30 -3.32
N6A NAP D . -26.55 14.37 -4.12
N1A NAP D . -26.64 16.53 -3.36
C2A NAP D . -26.17 17.47 -2.53
N3A NAP D . -25.14 17.40 -1.67
C4A NAP D . -24.61 16.16 -1.64
O3 NAP D . -17.46 14.63 2.58
PN NAP D . -15.91 14.79 2.67
O1N NAP D . -15.65 16.18 3.21
O2N NAP D . -15.26 13.61 3.38
O5D NAP D . -15.41 14.66 1.16
C5D NAP D . -15.67 15.68 0.19
C4D NAP D . -14.95 15.33 -1.09
O4D NAP D . -13.52 15.42 -0.86
C3D NAP D . -15.23 13.92 -1.63
O3D NAP D . -15.38 13.92 -3.02
C2D NAP D . -13.99 13.16 -1.14
O2D NAP D . -13.71 12.06 -1.96
C1D NAP D . -12.88 14.20 -1.17
N1N NAP D . -11.79 13.98 -0.16
C2N NAP D . -12.03 13.60 1.14
C3N NAP D . -11.01 13.49 2.07
C7N NAP D . -11.26 13.14 3.49
O7N NAP D . -10.30 12.96 4.25
N7N NAP D . -12.49 13.11 3.95
C4N NAP D . -9.62 13.77 1.65
C5N NAP D . -9.49 14.25 0.30
C6N NAP D . -10.50 14.29 -0.53
P2B NAP D . -24.97 16.67 3.36
O1X NAP D . -24.04 17.50 4.34
O2X NAP D . -26.32 17.28 3.23
O3X NAP D . -25.01 15.24 3.65
C1 A1JDG E . 12.46 -3.95 -5.59
N1 A1JDG E . 11.67 -4.34 -4.44
C2 A1JDG E . 12.31 -5.26 -3.45
C3 A1JDG E . 12.13 -4.69 -2.05
C4 A1JDG E . 12.23 -5.67 -0.92
C5 A1JDG E . 11.48 -6.95 -1.18
C6 A1JDG E . 11.28 -7.42 -2.46
C7 A1JDG E . 10.62 -8.65 -2.62
C8 A1JDG E . 10.21 -9.40 -1.53
C9 A1JDG E . 10.41 -8.92 -0.24
C10 A1JDG E . 11.06 -7.71 -0.07
O1 A1JDG E . 11.30 -7.11 1.15
C11 A1JDG E . 10.54 -7.58 2.27
C12 A1JDG E . 11.73 -6.68 -3.68
S SO4 F . 23.05 -14.59 -9.17
O1 SO4 F . 23.33 -13.31 -9.75
O2 SO4 F . 22.11 -14.43 -8.09
O3 SO4 F . 22.49 -15.47 -10.18
O4 SO4 F . 24.26 -15.16 -8.64
PA NAP G . 14.89 -17.19 -4.71
O1A NAP G . 13.62 -17.41 -3.99
O2A NAP G . 14.91 -16.59 -6.09
O5B NAP G . 15.75 -18.56 -4.66
C5B NAP G . 16.61 -18.90 -3.51
C4B NAP G . 17.16 -20.30 -3.69
O4B NAP G . 16.05 -21.20 -3.87
C3B NAP G . 18.09 -20.54 -4.90
O3B NAP G . 19.34 -20.98 -4.42
C2B NAP G . 17.39 -21.64 -5.70
O2B NAP G . 18.18 -22.65 -6.29
C1B NAP G . 16.61 -22.29 -4.57
N9A NAP G . 15.58 -23.21 -4.95
C8A NAP G . 14.29 -22.92 -5.37
N7A NAP G . 13.58 -24.00 -5.62
C5A NAP G . 14.43 -25.04 -5.30
C6A NAP G . 14.25 -26.43 -5.29
N6A NAP G . 13.09 -26.99 -5.64
N1A NAP G . 15.30 -27.20 -4.94
C2A NAP G . 16.46 -26.62 -4.60
N3A NAP G . 16.73 -25.33 -4.51
C4A NAP G . 15.66 -24.58 -4.87
O3 NAP G . 15.80 -16.24 -3.79
PN NAP G . 15.62 -15.01 -2.84
O1N NAP G . 16.99 -14.86 -2.20
O2N NAP G . 15.02 -13.84 -3.53
O5D NAP G . 14.50 -15.49 -1.79
C5D NAP G . 14.82 -16.45 -0.73
C4D NAP G . 13.70 -16.46 0.28
O4D NAP G . 13.72 -15.22 1.03
C3D NAP G . 12.31 -16.59 -0.37
O3D NAP G . 11.51 -17.57 0.30
C2D NAP G . 11.82 -15.13 -0.34
O2D NAP G . 10.41 -15.03 -0.28
C1D NAP G . 12.47 -14.56 0.91
N1N NAP G . 12.69 -13.11 0.88
C2N NAP G . 13.23 -12.47 -0.21
C3N NAP G . 13.52 -11.11 -0.19
C7N NAP G . 14.10 -10.40 -1.38
O7N NAP G . 14.18 -9.16 -1.36
N7N NAP G . 14.60 -11.08 -2.40
C4N NAP G . 13.30 -10.35 1.09
C5N NAP G . 12.63 -11.11 2.14
C6N NAP G . 12.36 -12.38 2.01
P2B NAP G . 18.97 -22.23 -7.66
O1X NAP G . 17.96 -21.83 -8.63
O2X NAP G . 19.99 -21.14 -7.27
O3X NAP G . 19.60 -23.50 -8.04
C1 A1JDG H . -7.80 8.25 8.28
N1 A1JDG H . -8.72 8.05 7.19
C2 A1JDG H . -8.76 9.12 6.17
C3 A1JDG H . -7.32 9.45 5.80
C4 A1JDG H . -7.21 10.37 4.62
C5 A1JDG H . -8.20 10.12 3.51
C6 A1JDG H . -9.35 9.36 3.70
C7 A1JDG H . -10.21 9.16 2.61
C8 A1JDG H . -9.96 9.77 1.39
C9 A1JDG H . -8.84 10.57 1.21
C10 A1JDG H . -7.98 10.75 2.28
O1 A1JDG H . -6.79 11.47 2.22
C11 A1JDG H . -6.14 11.59 0.95
C12 A1JDG H . -9.63 8.65 4.99
#